data_6LWR
#
_entry.id   6LWR
#
_cell.length_a   88.992
_cell.length_b   143.573
_cell.length_c   71.165
_cell.angle_alpha   90.000
_cell.angle_beta   90.000
_cell.angle_gamma   90.000
#
_symmetry.space_group_name_H-M   'P 21 21 2'
#
loop_
_entity.id
_entity.type
_entity.pdbx_description
1 polymer 'Endonuclease 8-like 1'
2 polymer "DNA (5'-D(*CP*GP*TP*CP*CP*(PDA))-3')"
3 polymer "DNA (5'-D(*CP*GP*TP*CP*CP*(PDA))-3')"
4 polymer "DNA (5'-D(*TP*AP*GP*AP*CP*CP*TP*GP*GP*AP*CP*GP*G)-3')"
5 water water
#
loop_
_entity_poly.entity_id
_entity_poly.type
_entity_poly.pdbx_seq_one_letter_code
_entity_poly.pdbx_strand_id
1 'polypeptide(L)'
;MPEGPELHLASQFVNEACRALVFGGCVEKSSVSRNPEVPFESSAYRISASARGKELRLILSPLPGAQPQQEPLALVFRFG
MSGSFQLVPREELPRHAHLRFYTAPPGPRLALCFVDIRRFGRWDLGGKWQPGRGPCVLQEYQQFRENVLRNLADKAFDRP
ICEALLDQRFFNGIGNYLRAEILYRLKIPPFEKARSVLEALQQHRPSPELTLSQKIRTKLQNPDLLELCHSVPKEVVQLG
GKGYGSESGEEDFAAFRAWLRCYGMPGMSSLQDRHGRTIWFQGDPGPLAPKGRKS
;
A,E
2 'polydeoxyribonucleotide' (DC)(DG)(DT)(DC)(DC)(AD2) B,F
3 'polydeoxyribonucleotide' (DG)(DT)(DC)(DT)(DA)(DC) C,G
4 'polydeoxyribonucleotide' (DT)(DA)(DG)(DA)(DC)(DC)(DT)(DG)(DG)(DA)(DC)(DG)(DG) D,H
#
loop_
_chem_comp.id
_chem_comp.type
_chem_comp.name
_chem_comp.formula
AD2 DNA linking 2'-DEOXY-ADENOSINE-3'-5'-DIPHOSPHATE 'C10 H15 N5 O9 P2'
DA DNA linking 2'-DEOXYADENOSINE-5'-MONOPHOSPHATE 'C10 H14 N5 O6 P'
DC DNA linking 2'-DEOXYCYTIDINE-5'-MONOPHOSPHATE 'C9 H14 N3 O7 P'
DG DNA linking 2'-DEOXYGUANOSINE-5'-MONOPHOSPHATE 'C10 H14 N5 O7 P'
DT DNA linking THYMIDINE-5'-MONOPHOSPHATE 'C10 H15 N2 O8 P'
#
# COMPACT_ATOMS: atom_id res chain seq x y z
N PRO A 2 -17.38 -5.01 -10.45
CA PRO A 2 -15.95 -4.82 -10.22
C PRO A 2 -15.69 -4.31 -8.81
N GLU A 3 -14.78 -4.96 -8.09
CA GLU A 3 -14.32 -4.57 -6.74
C GLU A 3 -12.85 -4.10 -6.83
N GLY A 4 -12.19 -3.94 -5.69
CA GLY A 4 -10.83 -3.38 -5.65
C GLY A 4 -9.92 -4.04 -6.66
N PRO A 5 -9.83 -5.39 -6.68
CA PRO A 5 -8.92 -6.09 -7.58
C PRO A 5 -9.15 -5.73 -9.04
N GLU A 6 -10.41 -5.65 -9.45
CA GLU A 6 -10.81 -5.35 -10.85
C GLU A 6 -10.42 -3.90 -11.18
N LEU A 7 -10.57 -2.97 -10.23
CA LEU A 7 -10.15 -1.56 -10.41
C LEU A 7 -8.63 -1.49 -10.54
N HIS A 8 -7.93 -2.25 -9.71
CA HIS A 8 -6.44 -2.28 -9.69
C HIS A 8 -5.96 -2.82 -11.04
N LEU A 9 -6.54 -3.92 -11.48
CA LEU A 9 -6.11 -4.62 -12.70
C LEU A 9 -6.45 -3.72 -13.90
N ALA A 10 -7.55 -2.96 -13.84
CA ALA A 10 -7.96 -2.02 -14.92
C ALA A 10 -6.90 -0.91 -15.02
N SER A 11 -6.48 -0.39 -13.88
CA SER A 11 -5.45 0.66 -13.77
C SER A 11 -4.17 0.12 -14.44
N GLN A 12 -3.75 -1.09 -14.10
CA GLN A 12 -2.56 -1.74 -14.72
C GLN A 12 -2.74 -1.89 -16.23
N PHE A 13 -3.93 -2.30 -16.64
CA PHE A 13 -4.24 -2.50 -18.06
C PHE A 13 -4.00 -1.18 -18.80
N VAL A 14 -4.53 -0.09 -18.26
CA VAL A 14 -4.46 1.23 -18.92
C VAL A 14 -2.99 1.62 -19.04
N ASN A 15 -2.19 1.42 -18.00
CA ASN A 15 -0.75 1.82 -18.02
C ASN A 15 0.03 0.95 -18.97
N GLU A 16 -0.10 -0.38 -18.95
CA GLU A 16 0.63 -1.28 -19.89
C GLU A 16 0.21 -0.94 -21.32
N ALA A 17 -1.10 -0.86 -21.56
CA ALA A 17 -1.68 -0.74 -22.90
C ALA A 17 -1.44 0.63 -23.52
N CYS A 18 -1.34 1.67 -22.70
CA CYS A 18 -1.15 3.07 -23.20
C CYS A 18 0.31 3.50 -23.11
N ARG A 19 1.19 2.76 -22.44
CA ARG A 19 2.61 3.16 -22.25
C ARG A 19 3.21 3.78 -23.53
N ALA A 20 3.04 3.16 -24.69
CA ALA A 20 3.65 3.61 -25.96
C ALA A 20 2.57 4.25 -26.86
N LEU A 21 1.40 4.59 -26.34
CA LEU A 21 0.39 5.29 -27.19
C LEU A 21 0.45 6.81 -27.01
N VAL A 22 -0.04 7.49 -28.04
CA VAL A 22 -0.30 8.95 -28.02
C VAL A 22 -1.71 9.17 -28.56
N PHE A 23 -2.53 9.80 -27.76
CA PHE A 23 -3.92 10.16 -28.08
C PHE A 23 -3.93 11.60 -28.56
N GLY A 24 -4.99 11.95 -29.30
CA GLY A 24 -5.26 13.31 -29.79
C GLY A 24 -6.75 13.49 -29.99
N GLY A 25 -7.21 14.74 -30.03
CA GLY A 25 -8.60 15.06 -30.36
C GLY A 25 -9.41 15.33 -29.12
N CYS A 26 -10.72 15.15 -29.22
CA CYS A 26 -11.69 15.31 -28.10
C CYS A 26 -11.71 14.04 -27.25
N VAL A 27 -12.19 14.16 -26.01
CA VAL A 27 -12.72 12.99 -25.26
C VAL A 27 -14.22 12.90 -25.57
N GLU A 28 -14.58 11.96 -26.46
CA GLU A 28 -15.94 11.71 -26.97
C GLU A 28 -16.73 10.90 -25.93
N LYS A 29 -17.98 11.29 -25.70
CA LYS A 29 -18.91 10.64 -24.72
C LYS A 29 -20.22 10.30 -25.46
N SER A 30 -20.66 9.04 -25.35
CA SER A 30 -21.94 8.54 -25.91
C SER A 30 -23.08 9.51 -25.58
N SER A 31 -23.99 9.71 -26.54
CA SER A 31 -25.19 10.59 -26.40
C SER A 31 -25.97 10.22 -25.13
N VAL A 32 -26.05 8.93 -24.80
CA VAL A 32 -26.97 8.40 -23.76
C VAL A 32 -26.40 8.64 -22.34
N SER A 33 -25.08 8.70 -22.14
CA SER A 33 -24.48 8.84 -20.78
C SER A 33 -24.94 10.15 -20.13
N ARG A 34 -25.59 10.06 -18.98
CA ARG A 34 -25.93 11.22 -18.11
C ARG A 34 -24.67 11.65 -17.33
N ASN A 35 -23.48 11.13 -17.63
CA ASN A 35 -22.23 11.60 -16.99
C ASN A 35 -21.79 12.90 -17.64
N PRO A 36 -20.90 13.70 -17.01
CA PRO A 36 -20.48 14.97 -17.59
C PRO A 36 -19.66 14.79 -18.88
N GLU A 37 -19.81 15.69 -19.85
CA GLU A 37 -18.84 15.87 -20.97
C GLU A 37 -17.47 16.17 -20.37
N VAL A 38 -16.39 15.71 -20.99
CA VAL A 38 -15.02 15.92 -20.45
C VAL A 38 -14.35 17.00 -21.28
N PRO A 39 -14.18 18.22 -20.75
CA PRO A 39 -13.73 19.35 -21.57
C PRO A 39 -12.20 19.32 -21.69
N PHE A 40 -11.70 18.63 -22.71
CA PHE A 40 -10.27 18.40 -22.98
C PHE A 40 -10.08 18.07 -24.46
N GLU A 41 -9.42 18.95 -25.21
CA GLU A 41 -8.90 18.63 -26.56
C GLU A 41 -7.38 18.84 -26.50
N SER A 42 -6.61 17.96 -27.14
CA SER A 42 -5.14 18.06 -27.30
C SER A 42 -4.68 17.30 -28.54
N SER A 43 -3.80 17.90 -29.33
CA SER A 43 -3.22 17.34 -30.58
C SER A 43 -2.38 16.10 -30.26
N ALA A 44 -1.83 16.03 -29.05
CA ALA A 44 -1.00 14.90 -28.58
C ALA A 44 -0.99 14.86 -27.04
N TYR A 45 -1.27 13.70 -26.47
CA TYR A 45 -1.40 13.53 -25.00
C TYR A 45 -1.42 12.03 -24.68
N ARG A 46 -1.02 11.73 -23.44
CA ARG A 46 -0.80 10.38 -22.87
C ARG A 46 -1.81 10.18 -21.76
N ILE A 47 -2.33 8.97 -21.63
CA ILE A 47 -3.31 8.57 -20.59
C ILE A 47 -2.55 7.67 -19.63
N SER A 48 -2.54 7.99 -18.35
CA SER A 48 -2.08 7.04 -17.31
C SER A 48 -3.16 6.84 -16.27
N ALA A 49 -3.02 5.83 -15.42
CA ALA A 49 -4.05 5.43 -14.44
C ALA A 49 -3.38 5.07 -13.13
N SER A 50 -4.15 5.19 -12.06
CA SER A 50 -3.83 4.67 -10.71
C SER A 50 -5.16 4.29 -10.04
N ALA A 51 -5.15 3.38 -9.06
CA ALA A 51 -6.38 2.90 -8.41
C ALA A 51 -6.33 3.17 -6.91
N ARG A 52 -7.48 3.39 -6.34
CA ARG A 52 -7.62 3.50 -4.86
C ARG A 52 -8.95 2.88 -4.49
N GLY A 53 -8.90 1.81 -3.70
CA GLY A 53 -10.08 0.96 -3.48
C GLY A 53 -10.90 0.80 -4.76
N LYS A 54 -12.13 1.28 -4.74
CA LYS A 54 -13.13 1.02 -5.79
C LYS A 54 -13.19 2.19 -6.77
N GLU A 55 -12.14 3.01 -6.81
CA GLU A 55 -12.00 4.17 -7.74
C GLU A 55 -10.74 4.01 -8.59
N LEU A 56 -10.77 4.61 -9.77
CA LEU A 56 -9.61 4.70 -10.70
C LEU A 56 -9.52 6.15 -11.16
N ARG A 57 -8.34 6.73 -11.09
CA ARG A 57 -8.03 8.08 -11.61
C ARG A 57 -7.22 7.97 -12.91
N LEU A 58 -7.76 8.50 -14.00
CA LEU A 58 -7.03 8.70 -15.28
C LEU A 58 -6.38 10.09 -15.22
N ILE A 59 -5.15 10.23 -15.68
CA ILE A 59 -4.59 11.58 -15.94
C ILE A 59 -4.32 11.72 -17.45
N LEU A 60 -4.85 12.79 -18.06
CA LEU A 60 -4.62 13.12 -19.48
C LEU A 60 -3.52 14.17 -19.52
N SER A 61 -2.36 13.80 -20.03
CA SER A 61 -1.09 14.54 -19.91
C SER A 61 -0.56 14.91 -21.29
N PRO A 62 -0.80 16.16 -21.74
CA PRO A 62 -0.43 16.60 -23.09
C PRO A 62 1.08 16.60 -23.23
N LEU A 63 1.55 16.41 -24.45
CA LEU A 63 3.00 16.37 -24.81
C LEU A 63 3.50 17.80 -24.97
N PRO A 64 4.82 18.03 -24.86
CA PRO A 64 5.37 19.38 -25.01
C PRO A 64 5.04 19.88 -26.41
N GLY A 65 4.43 21.08 -26.47
CA GLY A 65 4.05 21.75 -27.72
C GLY A 65 2.77 21.23 -28.33
N ALA A 66 2.01 20.46 -27.57
CA ALA A 66 0.75 19.98 -28.05
C ALA A 66 -0.18 21.16 -27.96
N GLN A 67 -1.03 21.35 -28.95
CA GLN A 67 -1.92 22.49 -28.94
C GLN A 67 -3.30 22.00 -28.70
N PRO A 68 -4.10 22.77 -27.98
CA PRO A 68 -3.85 24.00 -27.24
C PRO A 68 -3.02 23.77 -26.00
N GLN A 69 -2.27 24.78 -25.57
CA GLN A 69 -1.44 24.68 -24.39
C GLN A 69 -2.36 24.38 -23.26
N GLN A 70 -2.05 23.37 -22.47
CA GLN A 70 -2.96 22.97 -21.43
C GLN A 70 -2.32 22.25 -20.28
N GLU A 71 -2.87 22.44 -19.09
CA GLU A 71 -2.40 21.60 -17.96
C GLU A 71 -2.97 20.19 -18.12
N PRO A 72 -2.31 19.15 -17.57
CA PRO A 72 -2.92 17.83 -17.44
C PRO A 72 -4.27 17.93 -16.70
N LEU A 73 -5.20 17.05 -17.09
CA LEU A 73 -6.57 16.87 -16.57
C LEU A 73 -6.68 15.48 -15.94
N ALA A 74 -7.29 15.39 -14.77
CA ALA A 74 -7.56 14.10 -14.08
C ALA A 74 -9.07 13.88 -13.99
N LEU A 75 -9.51 12.70 -14.37
CA LEU A 75 -10.88 12.19 -14.14
C LEU A 75 -10.77 11.12 -13.08
N VAL A 76 -11.83 10.93 -12.32
CA VAL A 76 -11.93 9.73 -11.46
C VAL A 76 -13.19 8.97 -11.82
N PHE A 77 -13.04 7.67 -12.02
CA PHE A 77 -14.09 6.73 -12.42
C PHE A 77 -14.49 5.85 -11.24
N ARG A 78 -15.78 5.54 -11.19
CA ARG A 78 -16.38 4.46 -10.38
C ARG A 78 -17.13 3.56 -11.35
N PHE A 79 -16.87 2.26 -11.28
CA PHE A 79 -17.20 1.27 -12.34
C PHE A 79 -18.65 0.83 -12.21
N GLY A 80 -19.25 0.99 -11.05
CA GLY A 80 -20.58 0.41 -10.82
C GLY A 80 -20.51 -1.10 -10.96
N MET A 81 -21.51 -1.70 -11.60
CA MET A 81 -21.66 -3.17 -11.61
C MET A 81 -21.02 -3.73 -12.88
N SER A 82 -20.78 -2.93 -13.92
CA SER A 82 -20.41 -3.45 -15.26
C SER A 82 -19.40 -2.56 -15.99
N GLY A 83 -18.73 -1.65 -15.29
CA GLY A 83 -17.74 -0.74 -15.87
C GLY A 83 -16.43 -1.46 -16.13
N SER A 84 -15.77 -1.09 -17.22
CA SER A 84 -14.50 -1.69 -17.68
C SER A 84 -13.81 -0.71 -18.62
N PHE A 85 -12.51 -0.87 -18.82
CA PHE A 85 -11.76 -0.21 -19.92
C PHE A 85 -11.48 -1.26 -20.98
N GLN A 86 -11.55 -0.83 -22.23
CA GLN A 86 -11.15 -1.64 -23.39
C GLN A 86 -10.35 -0.76 -24.35
N LEU A 87 -9.29 -1.34 -24.93
CA LEU A 87 -8.56 -0.83 -26.11
C LEU A 87 -9.02 -1.61 -27.34
N VAL A 88 -9.74 -0.95 -28.24
CA VAL A 88 -10.48 -1.55 -29.39
C VAL A 88 -10.16 -0.73 -30.65
N PRO A 89 -10.10 -1.32 -31.86
CA PRO A 89 -9.95 -0.55 -33.09
C PRO A 89 -11.05 0.52 -33.26
N ARG A 90 -10.68 1.70 -33.80
CA ARG A 90 -11.56 2.90 -33.81
C ARG A 90 -12.87 2.60 -34.54
N GLU A 91 -12.82 1.71 -35.54
CA GLU A 91 -13.97 1.35 -36.41
C GLU A 91 -14.87 0.28 -35.72
N GLU A 92 -14.44 -0.36 -34.62
CA GLU A 92 -15.17 -1.47 -33.93
C GLU A 92 -15.34 -1.16 -32.43
N LEU A 93 -15.87 0.02 -32.08
CA LEU A 93 -16.22 0.46 -30.71
C LEU A 93 -17.25 -0.50 -30.14
N PRO A 94 -17.16 -1.01 -28.89
CA PRO A 94 -18.24 -1.80 -28.32
C PRO A 94 -19.57 -1.02 -28.21
N ARG A 95 -20.65 -1.79 -28.12
CA ARG A 95 -21.93 -1.35 -27.51
C ARG A 95 -21.57 -0.92 -26.09
N HIS A 96 -22.09 0.21 -25.62
CA HIS A 96 -22.01 0.64 -24.19
C HIS A 96 -20.65 1.28 -23.87
N ALA A 97 -19.86 1.54 -24.90
CA ALA A 97 -18.68 2.43 -24.87
C ALA A 97 -19.16 3.88 -24.66
N HIS A 98 -19.16 4.36 -23.41
CA HIS A 98 -19.77 5.64 -22.97
C HIS A 98 -18.74 6.79 -22.91
N LEU A 99 -17.44 6.51 -22.75
CA LEU A 99 -16.36 7.53 -22.86
C LEU A 99 -15.22 6.96 -23.71
N ARG A 100 -14.77 7.67 -24.74
CA ARG A 100 -13.73 7.20 -25.69
C ARG A 100 -12.59 8.22 -25.83
N PHE A 101 -11.36 7.71 -25.75
CA PHE A 101 -10.11 8.43 -26.05
C PHE A 101 -9.52 7.84 -27.33
N TYR A 102 -9.10 8.67 -28.27
CA TYR A 102 -8.70 8.23 -29.63
C TYR A 102 -7.21 8.44 -29.81
N THR A 103 -6.53 7.43 -30.38
CA THR A 103 -5.12 7.50 -30.82
C THR A 103 -4.95 8.51 -31.96
N ALA A 104 -3.91 9.33 -31.87
CA ALA A 104 -3.42 10.22 -32.94
C ALA A 104 -2.61 9.38 -33.92
N PRO A 105 -2.35 9.89 -35.13
CA PRO A 105 -1.68 9.10 -36.14
C PRO A 105 -0.20 9.39 -36.28
N PRO A 106 0.67 8.38 -36.27
CA PRO A 106 0.82 7.48 -37.41
C PRO A 106 0.28 6.16 -36.83
N GLY A 107 0.24 5.07 -37.61
CA GLY A 107 -0.18 3.75 -37.09
C GLY A 107 -1.70 3.62 -36.93
N PRO A 108 -2.18 2.47 -36.40
CA PRO A 108 -3.61 2.15 -36.44
C PRO A 108 -4.46 2.96 -35.45
N ARG A 109 -5.58 3.49 -35.95
CA ARG A 109 -6.58 4.30 -35.22
C ARG A 109 -7.23 3.40 -34.16
N LEU A 110 -6.80 3.50 -32.90
CA LEU A 110 -7.39 2.78 -31.73
C LEU A 110 -8.24 3.72 -30.90
N ALA A 111 -8.93 3.18 -29.90
CA ALA A 111 -9.83 3.90 -28.98
C ALA A 111 -9.77 3.22 -27.61
N LEU A 112 -9.37 3.95 -26.57
CA LEU A 112 -9.55 3.52 -25.17
C LEU A 112 -11.00 3.89 -24.79
N CYS A 113 -11.79 2.91 -24.39
CA CYS A 113 -13.21 3.07 -24.02
C CYS A 113 -13.47 2.69 -22.57
N PHE A 114 -14.18 3.58 -21.87
CA PHE A 114 -15.00 3.20 -20.71
C PHE A 114 -16.26 2.51 -21.27
N VAL A 115 -16.32 1.20 -21.14
CA VAL A 115 -17.49 0.37 -21.54
C VAL A 115 -18.29 0.06 -20.29
N ASP A 116 -19.59 0.30 -20.27
CA ASP A 116 -20.40 0.12 -19.04
C ASP A 116 -21.82 -0.20 -19.47
N ILE A 117 -22.13 -1.51 -19.60
CA ILE A 117 -23.42 -2.03 -20.12
C ILE A 117 -24.56 -1.31 -19.38
N ARG A 118 -24.56 -1.37 -18.04
CA ARG A 118 -25.71 -1.00 -17.17
C ARG A 118 -25.66 0.48 -16.77
N ARG A 119 -24.55 1.17 -17.09
CA ARG A 119 -24.42 2.64 -16.94
C ARG A 119 -24.51 3.00 -15.45
N PHE A 120 -24.09 2.14 -14.54
CA PHE A 120 -24.11 2.50 -13.10
C PHE A 120 -22.83 3.28 -12.77
N GLY A 121 -21.81 3.18 -13.62
CA GLY A 121 -20.52 3.86 -13.42
C GLY A 121 -20.63 5.36 -13.58
N ARG A 122 -19.76 6.10 -12.92
CA ARG A 122 -19.72 7.58 -12.89
C ARG A 122 -18.29 8.03 -13.14
N TRP A 123 -18.10 9.22 -13.71
CA TRP A 123 -16.80 9.94 -13.68
C TRP A 123 -17.01 11.40 -13.27
N ASP A 124 -16.05 11.92 -12.51
CA ASP A 124 -16.01 13.31 -11.99
C ASP A 124 -14.79 14.03 -12.53
N LEU A 125 -14.95 15.28 -12.93
CA LEU A 125 -13.83 16.12 -13.43
C LEU A 125 -12.96 16.49 -12.23
N GLY A 126 -11.65 16.40 -12.41
CA GLY A 126 -10.67 16.91 -11.46
C GLY A 126 -10.47 16.02 -10.25
N GLY A 127 -10.15 14.78 -10.51
CA GLY A 127 -8.95 14.17 -9.92
C GLY A 127 -9.06 13.77 -8.46
N LYS A 128 -10.00 14.28 -7.66
CA LYS A 128 -9.91 14.01 -6.20
C LYS A 128 -10.60 12.66 -5.94
N TRP A 129 -10.05 11.87 -5.02
CA TRP A 129 -10.72 10.64 -4.52
C TRP A 129 -11.97 11.08 -3.79
N GLN A 130 -12.93 10.18 -3.65
CA GLN A 130 -14.23 10.56 -3.08
C GLN A 130 -14.02 10.89 -1.62
N PRO A 131 -14.37 12.12 -1.17
CA PRO A 131 -14.29 12.45 0.25
C PRO A 131 -15.11 11.42 1.05
N GLY A 132 -14.53 10.86 2.11
CA GLY A 132 -15.25 9.87 2.91
C GLY A 132 -14.78 8.45 2.71
N ARG A 133 -14.42 8.04 1.50
CA ARG A 133 -13.88 6.67 1.28
C ARG A 133 -12.60 6.53 2.11
N GLY A 134 -12.42 5.43 2.80
CA GLY A 134 -11.21 5.17 3.58
C GLY A 134 -10.04 4.69 2.73
N PRO A 135 -8.91 4.40 3.40
CA PRO A 135 -7.71 3.95 2.71
C PRO A 135 -7.98 2.64 1.95
N CYS A 136 -7.31 2.49 0.81
CA CYS A 136 -7.38 1.31 -0.08
C CYS A 136 -6.93 0.06 0.67
N VAL A 137 -7.68 -1.04 0.58
CA VAL A 137 -7.30 -2.28 1.29
C VAL A 137 -6.08 -2.90 0.61
N LEU A 138 -5.92 -2.66 -0.69
CA LEU A 138 -4.75 -3.21 -1.43
C LEU A 138 -3.52 -2.33 -1.15
N GLN A 139 -3.62 -1.01 -1.37
CA GLN A 139 -2.42 -0.15 -1.41
C GLN A 139 -2.20 0.66 -0.13
N GLU A 140 -3.00 0.54 0.93
CA GLU A 140 -2.83 1.37 2.17
C GLU A 140 -3.16 0.53 3.41
N TYR A 141 -2.72 -0.73 3.44
CA TYR A 141 -3.12 -1.72 4.48
C TYR A 141 -3.08 -1.06 5.85
N GLN A 142 -1.92 -0.53 6.24
CA GLN A 142 -1.74 -0.03 7.63
C GLN A 142 -2.71 1.12 7.92
N GLN A 143 -2.91 2.06 7.01
CA GLN A 143 -3.87 3.17 7.21
C GLN A 143 -5.30 2.63 7.28
N PHE A 144 -5.61 1.61 6.48
CA PHE A 144 -6.95 1.00 6.45
C PHE A 144 -7.20 0.31 7.80
N ARG A 145 -6.21 -0.44 8.25
CA ARG A 145 -6.31 -1.31 9.44
C ARG A 145 -6.54 -0.40 10.65
N GLU A 146 -5.85 0.74 10.69
CA GLU A 146 -5.86 1.68 11.83
C GLU A 146 -7.16 2.45 11.80
N ASN A 147 -7.59 2.91 10.63
CA ASN A 147 -8.85 3.67 10.43
C ASN A 147 -10.02 2.91 11.05
N VAL A 148 -10.06 1.58 10.90
CA VAL A 148 -11.14 0.72 11.48
C VAL A 148 -11.00 0.69 13.00
N LEU A 149 -9.86 0.22 13.52
CA LEU A 149 -9.65 -0.04 14.97
C LEU A 149 -9.76 1.27 15.78
N ARG A 150 -9.46 2.42 15.17
CA ARG A 150 -9.59 3.74 15.81
C ARG A 150 -11.07 4.09 15.99
N ASN A 151 -11.95 3.60 15.10
CA ASN A 151 -13.35 4.09 14.94
C ASN A 151 -14.40 3.00 15.13
N LEU A 152 -14.17 2.02 15.99
CA LEU A 152 -15.14 0.92 16.22
C LEU A 152 -16.40 1.46 16.92
N ALA A 153 -16.34 2.68 17.47
CA ALA A 153 -17.46 3.37 18.16
C ALA A 153 -18.36 4.08 17.16
N ASP A 154 -18.06 4.04 15.86
CA ASP A 154 -18.95 4.54 14.79
C ASP A 154 -20.18 3.61 14.73
N LYS A 155 -21.34 4.17 14.36
CA LYS A 155 -22.64 3.45 14.27
C LYS A 155 -22.52 2.33 13.24
N ALA A 156 -21.67 2.50 12.23
CA ALA A 156 -21.49 1.51 11.14
C ALA A 156 -21.17 0.13 11.70
N PHE A 157 -20.50 0.06 12.85
CA PHE A 157 -20.06 -1.22 13.48
C PHE A 157 -21.11 -1.73 14.46
N ASP A 158 -22.24 -1.04 14.59
CA ASP A 158 -23.46 -1.60 15.22
C ASP A 158 -24.03 -2.64 14.25
N ARG A 159 -23.86 -2.41 12.96
CA ARG A 159 -24.40 -3.29 11.90
C ARG A 159 -23.70 -4.64 12.04
N PRO A 160 -24.28 -5.72 11.47
CA PRO A 160 -23.59 -7.00 11.38
C PRO A 160 -22.35 -6.91 10.48
N ILE A 161 -21.38 -7.77 10.73
CA ILE A 161 -20.04 -7.75 10.06
C ILE A 161 -20.17 -7.74 8.53
N CYS A 162 -21.00 -8.60 7.93
CA CYS A 162 -21.19 -8.72 6.46
C CYS A 162 -21.74 -7.39 5.90
N GLU A 163 -22.50 -6.65 6.69
CA GLU A 163 -23.02 -5.33 6.26
C GLU A 163 -21.92 -4.29 6.37
N ALA A 164 -21.18 -4.25 7.48
CA ALA A 164 -20.11 -3.24 7.72
C ALA A 164 -18.99 -3.41 6.69
N LEU A 165 -18.71 -4.64 6.24
CA LEU A 165 -17.61 -4.95 5.29
C LEU A 165 -17.81 -4.23 3.96
N LEU A 166 -19.03 -3.78 3.65
CA LEU A 166 -19.33 -3.08 2.37
C LEU A 166 -19.24 -1.56 2.57
N ASP A 167 -19.00 -1.08 3.80
CA ASP A 167 -18.95 0.37 4.10
C ASP A 167 -17.64 0.93 3.52
N GLN A 168 -17.72 1.66 2.39
CA GLN A 168 -16.51 2.13 1.68
C GLN A 168 -15.75 3.20 2.48
N ARG A 169 -16.37 3.77 3.53
CA ARG A 169 -15.71 4.66 4.52
C ARG A 169 -14.60 3.93 5.30
N PHE A 170 -14.67 2.59 5.36
CA PHE A 170 -13.86 1.72 6.26
C PHE A 170 -13.29 0.51 5.50
N PHE A 171 -13.90 0.09 4.40
CA PHE A 171 -13.38 -1.06 3.60
C PHE A 171 -13.43 -0.71 2.11
N ASN A 172 -12.87 0.45 1.75
CA ASN A 172 -12.72 0.91 0.35
C ASN A 172 -12.13 -0.23 -0.50
N GLY A 173 -12.91 -0.76 -1.43
CA GLY A 173 -12.45 -1.81 -2.35
C GLY A 173 -13.16 -3.14 -2.11
N ILE A 174 -13.59 -3.42 -0.89
CA ILE A 174 -14.32 -4.67 -0.57
C ILE A 174 -15.74 -4.58 -1.18
N GLY A 175 -16.15 -5.63 -1.89
CA GLY A 175 -17.50 -5.75 -2.46
C GLY A 175 -18.19 -7.04 -2.00
N ASN A 176 -19.29 -7.37 -2.66
CA ASN A 176 -20.18 -8.48 -2.26
C ASN A 176 -19.46 -9.82 -2.34
N TYR A 177 -18.62 -10.05 -3.38
CA TYR A 177 -17.95 -11.36 -3.54
C TYR A 177 -16.86 -11.46 -2.49
N LEU A 178 -16.11 -10.37 -2.26
CA LEU A 178 -14.96 -10.39 -1.30
C LEU A 178 -15.45 -10.59 0.14
N ARG A 179 -16.59 -10.02 0.54
CA ARG A 179 -17.10 -10.23 1.94
C ARG A 179 -17.43 -11.71 2.12
N ALA A 180 -18.02 -12.33 1.10
CA ALA A 180 -18.33 -13.77 1.08
C ALA A 180 -17.04 -14.56 1.24
N GLU A 181 -16.00 -14.21 0.48
CA GLU A 181 -14.75 -15.02 0.43
C GLU A 181 -14.00 -14.88 1.75
N ILE A 182 -14.02 -13.68 2.31
CA ILE A 182 -13.17 -13.33 3.48
C ILE A 182 -13.80 -14.02 4.69
N LEU A 183 -15.11 -13.85 4.89
CA LEU A 183 -15.81 -14.38 6.07
C LEU A 183 -15.74 -15.91 6.04
N TYR A 184 -15.86 -16.52 4.84
CA TYR A 184 -15.74 -17.98 4.66
C TYR A 184 -14.35 -18.45 5.11
N ARG A 185 -13.29 -17.73 4.77
CA ARG A 185 -11.89 -18.13 5.11
C ARG A 185 -11.73 -18.21 6.63
N LEU A 186 -12.47 -17.41 7.41
CA LEU A 186 -12.34 -17.39 8.89
C LEU A 186 -13.55 -18.05 9.56
N LYS A 187 -14.57 -18.40 8.78
CA LYS A 187 -15.85 -18.94 9.30
C LYS A 187 -16.43 -17.98 10.35
N ILE A 188 -16.39 -16.69 10.09
CA ILE A 188 -17.09 -15.68 10.95
C ILE A 188 -18.54 -15.67 10.51
N PRO A 189 -19.52 -15.93 11.41
CA PRO A 189 -20.93 -15.90 11.03
C PRO A 189 -21.18 -14.52 10.44
N PRO A 190 -21.81 -14.43 9.24
CA PRO A 190 -22.03 -13.15 8.56
C PRO A 190 -22.80 -12.11 9.40
N PHE A 191 -23.68 -12.58 10.29
CA PHE A 191 -24.54 -11.68 11.10
C PHE A 191 -24.09 -11.70 12.57
N GLU A 192 -22.80 -11.88 12.82
CA GLU A 192 -22.15 -11.36 14.07
C GLU A 192 -22.18 -9.83 14.00
N LYS A 193 -22.29 -9.14 15.14
CA LYS A 193 -22.19 -7.67 15.23
C LYS A 193 -20.77 -7.26 14.83
N ALA A 194 -20.65 -6.32 13.89
CA ALA A 194 -19.33 -5.90 13.35
C ALA A 194 -18.39 -5.59 14.53
N ARG A 195 -18.85 -4.76 15.47
CA ARG A 195 -18.00 -4.28 16.60
C ARG A 195 -17.40 -5.49 17.33
N SER A 196 -18.19 -6.54 17.59
CA SER A 196 -17.79 -7.74 18.39
C SER A 196 -16.66 -8.50 17.70
N VAL A 197 -16.74 -8.69 16.38
CA VAL A 197 -15.71 -9.39 15.57
C VAL A 197 -14.38 -8.64 15.69
N LEU A 198 -14.41 -7.30 15.70
CA LEU A 198 -13.21 -6.44 15.57
C LEU A 198 -12.67 -6.03 16.97
N GLU A 199 -13.54 -5.82 17.94
CA GLU A 199 -13.16 -5.44 19.33
C GLU A 199 -12.02 -6.35 19.81
N ALA A 200 -12.09 -7.65 19.51
CA ALA A 200 -11.03 -8.68 19.73
C ALA A 200 -9.62 -8.14 19.38
N LEU A 201 -9.47 -7.34 18.32
CA LEU A 201 -8.17 -7.04 17.65
C LEU A 201 -7.54 -5.71 18.09
N GLN A 202 -7.97 -5.03 19.17
CA GLN A 202 -7.24 -3.81 19.59
C GLN A 202 -5.91 -4.24 20.22
N ASN A 222 -1.50 -16.52 12.49
CA ASN A 222 -2.92 -16.78 12.09
C ASN A 222 -3.65 -15.51 11.64
N PRO A 223 -3.83 -15.30 10.31
CA PRO A 223 -4.36 -14.05 9.78
C PRO A 223 -5.74 -13.71 10.36
N ASP A 224 -5.86 -12.55 11.01
CA ASP A 224 -7.14 -11.98 11.51
C ASP A 224 -7.93 -11.43 10.32
N LEU A 225 -9.14 -10.92 10.58
CA LEU A 225 -10.11 -10.49 9.56
C LEU A 225 -9.51 -9.38 8.68
N LEU A 226 -8.83 -8.41 9.31
CA LEU A 226 -8.32 -7.19 8.63
C LEU A 226 -7.13 -7.57 7.72
N GLU A 227 -6.21 -8.45 8.15
CA GLU A 227 -5.20 -9.03 7.21
C GLU A 227 -5.94 -9.56 5.97
N LEU A 228 -7.06 -10.27 6.13
CA LEU A 228 -7.72 -10.95 4.99
C LEU A 228 -8.39 -9.93 4.06
N CYS A 229 -8.98 -8.86 4.59
CA CYS A 229 -9.47 -7.72 3.76
C CYS A 229 -8.38 -7.22 2.79
N HIS A 230 -7.10 -7.51 3.05
CA HIS A 230 -5.95 -7.16 2.17
C HIS A 230 -5.45 -8.37 1.35
N SER A 231 -5.14 -9.48 2.02
CA SER A 231 -4.46 -10.65 1.42
C SER A 231 -5.39 -11.36 0.42
N VAL A 232 -6.71 -11.29 0.60
CA VAL A 232 -7.68 -12.02 -0.29
C VAL A 232 -7.84 -11.27 -1.61
N PRO A 233 -8.21 -9.97 -1.64
CA PRO A 233 -8.20 -9.20 -2.88
C PRO A 233 -6.85 -9.28 -3.60
N LYS A 234 -5.75 -9.34 -2.84
CA LYS A 234 -4.40 -9.42 -3.41
C LYS A 234 -4.26 -10.78 -4.13
N GLU A 235 -4.85 -11.85 -3.60
CA GLU A 235 -4.85 -13.18 -4.28
C GLU A 235 -5.48 -12.97 -5.65
N VAL A 236 -6.56 -12.20 -5.74
CA VAL A 236 -7.24 -11.97 -7.05
C VAL A 236 -6.37 -11.18 -8.01
N VAL A 237 -5.66 -10.16 -7.50
CA VAL A 237 -4.83 -9.25 -8.34
C VAL A 237 -3.71 -10.08 -8.97
N GLN A 238 -3.09 -10.98 -8.19
CA GLN A 238 -1.92 -11.80 -8.63
C GLN A 238 -2.37 -12.89 -9.61
N LEU A 239 -3.62 -13.36 -9.51
CA LEU A 239 -4.23 -14.36 -10.42
C LEU A 239 -4.31 -13.76 -11.82
N GLY A 240 -4.47 -12.43 -11.89
CA GLY A 240 -4.60 -11.64 -13.12
C GLY A 240 -5.96 -11.80 -13.78
N GLY A 241 -6.06 -11.41 -15.04
CA GLY A 241 -7.24 -11.62 -15.90
C GLY A 241 -8.35 -10.66 -15.56
N LYS A 242 -9.58 -11.17 -15.43
CA LYS A 242 -10.80 -10.40 -15.03
C LYS A 242 -11.08 -9.28 -16.05
N GLY A 243 -10.75 -9.50 -17.34
CA GLY A 243 -11.08 -8.64 -18.50
C GLY A 243 -9.86 -7.93 -19.09
N TYR A 244 -8.66 -8.27 -18.63
CA TYR A 244 -7.43 -7.46 -18.81
C TYR A 244 -6.31 -8.37 -19.30
N GLY A 245 -6.03 -9.45 -18.56
CA GLY A 245 -5.23 -10.59 -19.04
C GLY A 245 -5.54 -10.91 -20.49
N SER A 246 -4.49 -10.95 -21.33
CA SER A 246 -4.50 -11.16 -22.81
C SER A 246 -5.13 -12.52 -23.16
N GLU A 247 -5.52 -13.29 -22.13
CA GLU A 247 -6.34 -14.53 -22.22
C GLU A 247 -7.66 -14.28 -22.96
N SER A 248 -8.13 -15.30 -23.68
CA SER A 248 -9.53 -15.50 -24.15
C SER A 248 -10.48 -15.13 -22.99
N GLY A 249 -11.47 -14.26 -23.26
CA GLY A 249 -12.29 -13.56 -22.25
C GLY A 249 -12.87 -14.49 -21.21
N GLU A 250 -13.52 -15.56 -21.66
CA GLU A 250 -14.29 -16.55 -20.83
C GLU A 250 -13.35 -17.64 -20.29
N GLU A 251 -12.05 -17.55 -20.58
CA GLU A 251 -10.99 -18.36 -19.91
C GLU A 251 -10.69 -17.72 -18.54
N ASP A 252 -10.54 -16.39 -18.53
CA ASP A 252 -10.33 -15.57 -17.30
C ASP A 252 -11.44 -15.91 -16.29
N PHE A 253 -12.70 -15.87 -16.72
CA PHE A 253 -13.92 -16.21 -15.94
C PHE A 253 -13.74 -17.54 -15.20
N ALA A 254 -13.37 -18.61 -15.91
CA ALA A 254 -13.25 -20.00 -15.40
C ALA A 254 -12.25 -20.06 -14.24
N ALA A 255 -11.13 -19.36 -14.35
CA ALA A 255 -10.03 -19.34 -13.36
C ALA A 255 -10.52 -18.68 -12.08
N PHE A 256 -11.06 -17.47 -12.19
CA PHE A 256 -11.65 -16.69 -11.07
C PHE A 256 -12.70 -17.55 -10.38
N ARG A 257 -13.63 -18.10 -11.15
CA ARG A 257 -14.69 -19.04 -10.67
C ARG A 257 -14.06 -20.20 -9.90
N ALA A 258 -12.97 -20.78 -10.41
CA ALA A 258 -12.20 -21.84 -9.72
C ALA A 258 -11.65 -21.33 -8.39
N TRP A 259 -11.37 -20.03 -8.31
CA TRP A 259 -10.70 -19.41 -7.12
C TRP A 259 -11.73 -19.29 -5.97
N LEU A 260 -12.95 -18.90 -6.32
CA LEU A 260 -14.11 -18.66 -5.39
C LEU A 260 -14.40 -19.96 -4.62
N ARG A 261 -14.46 -19.86 -3.28
CA ARG A 261 -14.66 -20.99 -2.36
C ARG A 261 -16.03 -20.90 -1.69
N CYS A 262 -16.75 -19.78 -1.85
CA CYS A 262 -18.00 -19.50 -1.10
C CYS A 262 -19.06 -18.82 -1.98
N TYR A 263 -18.70 -17.87 -2.85
CA TYR A 263 -19.65 -16.92 -3.49
C TYR A 263 -20.38 -17.60 -4.63
N GLY A 264 -21.69 -17.80 -4.44
CA GLY A 264 -22.59 -18.46 -5.42
C GLY A 264 -22.14 -19.86 -5.76
N MET A 265 -21.42 -20.52 -4.85
CA MET A 265 -20.89 -21.88 -5.09
C MET A 265 -21.95 -22.89 -4.65
N PRO A 266 -22.11 -24.03 -5.37
CA PRO A 266 -23.03 -25.07 -4.96
C PRO A 266 -22.94 -25.42 -3.46
N GLY A 267 -24.10 -25.53 -2.79
CA GLY A 267 -24.25 -26.03 -1.41
C GLY A 267 -23.88 -24.98 -0.37
N MET A 268 -23.92 -23.71 -0.72
CA MET A 268 -23.66 -22.58 0.21
C MET A 268 -25.00 -22.01 0.67
N SER A 269 -25.08 -21.72 1.99
CA SER A 269 -26.15 -20.91 2.59
C SER A 269 -26.04 -19.48 2.05
N SER A 270 -27.16 -18.77 2.05
CA SER A 270 -27.40 -17.48 1.33
C SER A 270 -28.56 -16.74 2.02
N LEU A 271 -28.38 -15.45 2.32
CA LEU A 271 -29.44 -14.57 2.87
C LEU A 271 -29.30 -13.17 2.28
N GLN A 272 -30.39 -12.41 2.30
CA GLN A 272 -30.40 -10.96 1.99
C GLN A 272 -30.03 -10.24 3.28
N ASP A 273 -29.12 -9.28 3.24
CA ASP A 273 -28.82 -8.37 4.38
C ASP A 273 -29.89 -7.26 4.40
N ARG A 274 -29.82 -6.33 5.36
CA ARG A 274 -30.90 -5.32 5.58
C ARG A 274 -31.06 -4.45 4.32
N HIS A 275 -30.09 -4.44 3.40
CA HIS A 275 -30.17 -3.65 2.13
C HIS A 275 -30.59 -4.52 0.95
N GLY A 276 -30.92 -5.79 1.18
CA GLY A 276 -31.35 -6.73 0.11
C GLY A 276 -30.21 -7.13 -0.82
N ARG A 277 -29.04 -7.45 -0.28
CA ARG A 277 -27.87 -7.95 -1.04
C ARG A 277 -27.50 -9.36 -0.56
N THR A 278 -27.42 -10.32 -1.47
CA THR A 278 -27.13 -11.74 -1.18
C THR A 278 -25.73 -11.83 -0.55
N ILE A 279 -25.68 -12.18 0.75
CA ILE A 279 -24.45 -12.67 1.45
C ILE A 279 -24.46 -14.21 1.39
N TRP A 280 -23.36 -14.80 0.92
CA TRP A 280 -23.11 -16.26 0.85
C TRP A 280 -22.23 -16.66 2.04
N PHE A 281 -22.50 -17.84 2.61
CA PHE A 281 -21.72 -18.37 3.76
C PHE A 281 -21.95 -19.88 3.95
N GLN A 282 -21.09 -20.45 4.78
CA GLN A 282 -21.14 -21.84 5.28
C GLN A 282 -21.69 -21.78 6.69
N GLY A 283 -22.50 -22.77 7.04
CA GLY A 283 -22.94 -22.94 8.45
C GLY A 283 -23.72 -21.62 8.92
N ASP A 284 -23.46 -21.39 10.23
CA ASP A 284 -24.31 -20.57 11.15
C ASP A 284 -24.47 -19.18 10.57
N PRO A 285 -25.72 -18.69 10.30
CA PRO A 285 -25.89 -17.35 9.74
C PRO A 285 -25.42 -16.25 10.69
N GLY A 286 -25.68 -16.42 11.98
CA GLY A 286 -25.22 -15.51 13.05
C GLY A 286 -26.39 -14.75 13.72
N PRO A 287 -26.15 -14.26 14.96
CA PRO A 287 -27.22 -13.68 15.79
C PRO A 287 -28.16 -12.63 15.16
N LEU A 288 -27.79 -11.84 14.13
CA LEU A 288 -28.61 -10.69 13.66
C LEU A 288 -29.28 -10.96 12.31
N ALA A 289 -29.49 -12.22 11.92
CA ALA A 289 -29.92 -12.61 10.54
C ALA A 289 -31.42 -12.36 10.35
N PRO A 290 -31.90 -11.89 9.17
CA PRO A 290 -33.34 -11.81 8.91
C PRO A 290 -34.03 -13.15 9.21
P1 AD2 B 6 -28.65 -12.05 -7.20
OP1 AD2 B 6 -28.06 -12.80 -6.02
OP2 AD2 B 6 -29.48 -10.84 -6.87
O5' AD2 B 6 -27.53 -11.57 -8.22
P2 AD2 B 6 -24.69 -9.45 -6.45
O5P AD2 B 6 -23.41 -9.77 -5.70
O4P AD2 B 6 -25.91 -10.16 -5.76
O6P AD2 B 6 -24.93 -7.95 -6.51
N9 AD2 B 6 -27.50 -9.26 -11.41
C4 AD2 B 6 -27.94 -8.63 -12.51
N3 AD2 B 6 -27.46 -8.54 -13.75
C2 AD2 B 6 -28.15 -7.92 -14.75
N1 AD2 B 6 -29.34 -7.34 -14.56
C6 AD2 B 6 -29.93 -7.36 -13.36
N6 AD2 B 6 -31.12 -6.73 -13.27
C5 AD2 B 6 -29.25 -8.06 -12.25
N7 AD2 B 6 -29.51 -8.39 -10.98
C8 AD2 B 6 -28.44 -9.10 -10.48
C2' AD2 B 6 -25.22 -9.34 -10.28
C5' AD2 B 6 -26.45 -12.42 -8.65
C4' AD2 B 6 -25.62 -11.55 -9.57
O4' AD2 B 6 -26.37 -11.33 -10.77
C1' AD2 B 6 -26.19 -10.00 -11.26
C3' AD2 B 6 -25.38 -10.16 -8.99
O3' AD2 B 6 -24.34 -10.03 -7.98
N PRO E 2 18.49 1.26 12.54
CA PRO E 2 17.31 0.44 12.41
C PRO E 2 17.10 0.07 10.99
N GLU E 3 16.56 -1.12 10.74
CA GLU E 3 16.32 -1.56 9.40
C GLU E 3 14.83 -1.75 9.18
N GLY E 4 14.44 -2.28 8.05
CA GLY E 4 13.01 -2.40 7.76
C GLY E 4 12.19 -2.84 8.97
N PRO E 5 12.59 -3.93 9.65
CA PRO E 5 11.84 -4.43 10.80
C PRO E 5 11.64 -3.39 11.89
N GLU E 6 12.67 -2.62 12.18
CA GLU E 6 12.66 -1.58 13.25
C GLU E 6 11.71 -0.44 12.80
N LEU E 7 11.71 -0.11 11.51
CA LEU E 7 10.78 0.92 10.94
C LEU E 7 9.34 0.39 11.01
N HIS E 8 9.13 -0.87 10.70
CA HIS E 8 7.79 -1.48 10.72
C HIS E 8 7.27 -1.53 12.16
N LEU E 9 8.10 -1.97 13.08
CA LEU E 9 7.73 -2.07 14.52
C LEU E 9 7.42 -0.67 15.06
N ALA E 10 8.17 0.34 14.63
CA ALA E 10 8.00 1.73 15.09
C ALA E 10 6.64 2.22 14.62
N SER E 11 6.33 1.94 13.35
CA SER E 11 5.04 2.29 12.70
C SER E 11 3.92 1.70 13.56
N GLN E 12 4.01 0.41 13.90
CA GLN E 12 2.97 -0.28 14.72
C GLN E 12 2.92 0.30 16.13
N PHE E 13 4.07 0.65 16.70
CA PHE E 13 4.13 1.26 18.05
C PHE E 13 3.29 2.54 18.01
N VAL E 14 3.50 3.38 17.01
CA VAL E 14 2.80 4.68 16.89
C VAL E 14 1.30 4.42 16.82
N ASN E 15 0.88 3.47 15.98
CA ASN E 15 -0.56 3.19 15.75
C ASN E 15 -1.18 2.67 17.06
N GLU E 16 -0.58 1.66 17.69
CA GLU E 16 -1.21 1.05 18.89
C GLU E 16 -1.17 2.07 20.02
N ALA E 17 -0.06 2.76 20.22
CA ALA E 17 0.13 3.65 21.39
C ALA E 17 -0.70 4.95 21.26
N CYS E 18 -1.00 5.40 20.05
CA CYS E 18 -1.77 6.66 19.84
C CYS E 18 -3.24 6.37 19.45
N ARG E 19 -3.64 5.10 19.35
CA ARG E 19 -5.02 4.73 18.94
C ARG E 19 -6.03 5.55 19.75
N ALA E 20 -5.80 5.69 21.05
CA ALA E 20 -6.80 6.23 22.00
C ALA E 20 -6.57 7.72 22.23
N LEU E 21 -5.44 8.25 21.77
CA LEU E 21 -4.96 9.60 22.13
C LEU E 21 -5.48 10.65 21.14
N VAL E 22 -5.64 11.86 21.66
CA VAL E 22 -5.91 13.07 20.86
C VAL E 22 -4.80 14.06 21.16
N PHE E 23 -4.10 14.51 20.13
CA PHE E 23 -3.03 15.52 20.24
C PHE E 23 -3.64 16.88 19.93
N GLY E 24 -2.99 17.94 20.41
CA GLY E 24 -3.36 19.32 20.11
C GLY E 24 -2.17 20.25 20.29
N GLY E 25 -2.24 21.43 19.69
CA GLY E 25 -1.15 22.43 19.76
C GLY E 25 -0.21 22.29 18.58
N CYS E 26 1.04 22.70 18.80
CA CYS E 26 2.11 22.76 17.77
C CYS E 26 2.81 21.40 17.69
N VAL E 27 3.48 21.12 16.57
CA VAL E 27 4.58 20.10 16.49
C VAL E 27 5.90 20.83 16.82
N GLU E 28 6.34 20.69 18.07
CA GLU E 28 7.53 21.38 18.65
C GLU E 28 8.80 20.61 18.22
N LYS E 29 9.86 21.36 17.85
CA LYS E 29 11.17 20.82 17.38
C LYS E 29 12.30 21.37 18.24
N SER E 30 13.17 20.50 18.77
CA SER E 30 14.35 20.89 19.58
C SER E 30 15.14 21.97 18.83
N SER E 31 15.68 22.96 19.56
CA SER E 31 16.47 24.09 19.00
C SER E 31 17.62 23.55 18.12
N VAL E 32 18.19 22.41 18.49
CA VAL E 32 19.44 21.88 17.88
C VAL E 32 19.16 21.21 16.53
N SER E 33 17.99 20.59 16.30
CA SER E 33 17.72 19.79 15.07
C SER E 33 17.85 20.66 13.81
N ARG E 34 18.76 20.31 12.90
CA ARG E 34 18.91 20.86 11.52
C ARG E 34 17.74 20.39 10.61
N ASN E 35 16.75 19.69 11.15
CA ASN E 35 15.61 19.23 10.32
C ASN E 35 14.60 20.37 10.17
N PRO E 36 13.68 20.32 9.17
CA PRO E 36 12.67 21.35 8.99
C PRO E 36 11.72 21.49 10.17
N GLU E 37 11.30 22.73 10.48
CA GLU E 37 10.12 23.03 11.30
C GLU E 37 8.88 22.42 10.63
N VAL E 38 7.91 21.95 11.40
CA VAL E 38 6.72 21.27 10.83
C VAL E 38 5.54 22.23 10.96
N PRO E 39 5.03 22.81 9.85
CA PRO E 39 3.98 23.82 9.93
C PRO E 39 2.62 23.13 10.11
N PHE E 40 2.23 22.90 11.37
CA PHE E 40 0.97 22.21 11.75
C PHE E 40 0.57 22.59 13.19
N GLU E 41 -0.53 23.32 13.33
CA GLU E 41 -1.23 23.52 14.63
C GLU E 41 -2.65 22.98 14.43
N SER E 42 -3.20 22.28 15.44
CA SER E 42 -4.60 21.82 15.49
C SER E 42 -5.02 21.63 16.95
N SER E 43 -6.23 22.09 17.30
CA SER E 43 -6.87 21.97 18.64
C SER E 43 -7.08 20.50 19.02
N ALA E 44 -7.24 19.62 18.02
CA ALA E 44 -7.49 18.17 18.19
C ALA E 44 -7.14 17.43 16.90
N TYR E 45 -6.31 16.40 17.01
CA TYR E 45 -5.81 15.62 15.85
C TYR E 45 -5.16 14.35 16.37
N ARG E 46 -5.15 13.32 15.51
CA ARG E 46 -4.66 11.96 15.81
C ARG E 46 -3.45 11.68 14.93
N ILE E 47 -2.48 10.95 15.47
CA ILE E 47 -1.23 10.58 14.75
C ILE E 47 -1.32 9.11 14.40
N SER E 48 -1.17 8.75 13.14
CA SER E 48 -1.03 7.34 12.72
C SER E 48 0.24 7.19 11.89
N ALA E 49 0.64 5.97 11.60
CA ALA E 49 1.89 5.68 10.88
C ALA E 49 1.68 4.52 9.92
N SER E 50 2.52 4.47 8.90
CA SER E 50 2.73 3.29 8.04
C SER E 50 4.19 3.26 7.63
N ALA E 51 4.74 2.10 7.29
CA ALA E 51 6.17 1.95 6.97
C ALA E 51 6.34 1.43 5.55
N ARG E 52 7.45 1.81 4.94
CA ARG E 52 7.82 1.28 3.62
C ARG E 52 9.33 1.15 3.60
N GLY E 53 9.80 -0.08 3.50
CA GLY E 53 11.22 -0.40 3.72
C GLY E 53 11.76 0.41 4.89
N LYS E 54 12.75 1.27 4.62
CA LYS E 54 13.54 1.94 5.67
C LYS E 54 13.00 3.36 5.94
N GLU E 55 11.76 3.61 5.56
CA GLU E 55 11.06 4.89 5.78
C GLU E 55 9.78 4.63 6.60
N LEU E 56 9.32 5.65 7.28
CA LEU E 56 8.05 5.68 8.03
C LEU E 56 7.37 7.00 7.70
N ARG E 57 6.09 6.94 7.35
CA ARG E 57 5.23 8.12 7.15
C ARG E 57 4.27 8.28 8.34
N LEU E 58 4.34 9.41 9.04
CA LEU E 58 3.34 9.84 10.05
C LEU E 58 2.26 10.63 9.34
N ILE E 59 1.01 10.43 9.72
CA ILE E 59 -0.07 11.34 9.23
C ILE E 59 -0.66 12.02 10.44
N LEU E 60 -0.72 13.36 10.41
CA LEU E 60 -1.37 14.19 11.45
C LEU E 60 -2.76 14.52 10.95
N SER E 61 -3.79 13.96 11.58
CA SER E 61 -5.16 13.91 10.99
C SER E 61 -6.14 14.59 11.94
N PRO E 62 -6.50 15.87 11.68
CA PRO E 62 -7.32 16.66 12.59
C PRO E 62 -8.72 16.04 12.67
N LEU E 63 -9.37 16.21 13.83
CA LEU E 63 -10.69 15.64 14.11
C LEU E 63 -11.79 16.56 13.57
N PRO E 64 -13.02 16.05 13.38
CA PRO E 64 -14.13 16.89 12.94
C PRO E 64 -14.32 18.05 13.94
N GLY E 65 -14.33 19.28 13.42
CA GLY E 65 -14.56 20.50 14.21
C GLY E 65 -13.29 21.04 14.85
N ALA E 66 -12.16 20.37 14.70
CA ALA E 66 -10.83 20.86 15.14
C ALA E 66 -10.50 22.15 14.39
N GLN E 67 -9.98 23.16 15.09
CA GLN E 67 -9.89 24.55 14.53
C GLN E 67 -8.45 25.04 14.50
N PRO E 68 -7.74 24.92 13.35
CA PRO E 68 -8.03 25.70 12.16
C PRO E 68 -8.55 24.69 11.12
N GLN E 69 -9.36 25.11 10.14
CA GLN E 69 -9.80 24.27 8.98
C GLN E 69 -8.54 23.81 8.22
N GLN E 70 -8.23 22.50 8.27
CA GLN E 70 -6.89 21.94 7.92
C GLN E 70 -7.01 20.54 7.31
N GLU E 71 -6.40 20.31 6.16
CA GLU E 71 -6.26 18.95 5.58
C GLU E 71 -5.28 18.16 6.47
N PRO E 72 -5.34 16.82 6.51
CA PRO E 72 -4.28 16.04 7.14
C PRO E 72 -2.91 16.36 6.51
N LEU E 73 -1.85 16.27 7.31
CA LEU E 73 -0.44 16.51 6.92
C LEU E 73 0.35 15.22 7.10
N ALA E 74 1.21 14.90 6.13
CA ALA E 74 2.12 13.74 6.19
C ALA E 74 3.59 14.20 6.26
N LEU E 75 4.31 13.68 7.24
CA LEU E 75 5.78 13.71 7.30
C LEU E 75 6.31 12.34 6.93
N VAL E 76 7.50 12.26 6.37
CA VAL E 76 8.20 10.97 6.22
C VAL E 76 9.57 11.05 6.91
N PHE E 77 9.84 10.04 7.72
CA PHE E 77 11.03 9.93 8.59
C PHE E 77 11.98 8.86 8.04
N ARG E 78 13.27 9.13 8.15
CA ARG E 78 14.36 8.14 8.00
C ARG E 78 15.16 8.23 9.29
N PHE E 79 15.38 7.10 9.95
CA PHE E 79 15.78 7.00 11.38
C PHE E 79 17.27 7.21 11.55
N GLY E 80 18.04 7.01 10.49
CA GLY E 80 19.51 7.03 10.59
C GLY E 80 19.96 5.90 11.50
N MET E 81 20.91 6.16 12.39
CA MET E 81 21.58 5.09 13.17
C MET E 81 20.89 4.92 14.51
N SER E 82 20.17 5.93 15.01
CA SER E 82 19.69 5.94 16.41
C SER E 82 18.29 6.56 16.54
N GLY E 83 17.53 6.64 15.46
CA GLY E 83 16.17 7.22 15.46
C GLY E 83 15.17 6.24 16.01
N SER E 84 14.21 6.75 16.79
CA SER E 84 13.14 5.95 17.44
C SER E 84 11.98 6.88 17.75
N PHE E 85 10.80 6.33 18.02
CA PHE E 85 9.65 7.03 18.64
C PHE E 85 9.53 6.59 20.08
N GLN E 86 9.08 7.49 20.94
CA GLN E 86 8.82 7.23 22.37
C GLN E 86 7.56 7.98 22.77
N LEU E 87 6.70 7.33 23.56
CA LEU E 87 5.53 7.95 24.23
C LEU E 87 5.85 8.06 25.72
N VAL E 88 6.03 9.28 26.23
CA VAL E 88 6.53 9.59 27.60
C VAL E 88 5.71 10.74 28.19
N PRO E 89 5.56 10.86 29.53
CA PRO E 89 4.91 12.03 30.13
C PRO E 89 5.55 13.37 29.71
N ARG E 90 4.70 14.41 29.52
CA ARG E 90 5.09 15.74 29.00
C ARG E 90 6.24 16.32 29.81
N GLU E 91 6.29 16.02 31.13
CA GLU E 91 7.30 16.53 32.10
C GLU E 91 8.65 15.79 31.98
N GLU E 92 8.70 14.61 31.34
CA GLU E 92 9.91 13.72 31.26
C GLU E 92 10.26 13.36 29.80
N LEU E 93 10.33 14.35 28.89
CA LEU E 93 10.86 14.22 27.51
C LEU E 93 12.32 13.77 27.61
N PRO E 94 12.81 12.73 26.90
CA PRO E 94 14.23 12.37 26.95
C PRO E 94 15.17 13.46 26.40
N ARG E 95 16.46 13.30 26.69
CA ARG E 95 17.55 13.94 25.90
C ARG E 95 17.37 13.42 24.47
N HIS E 96 17.50 14.30 23.47
CA HIS E 96 17.59 13.93 22.04
C HIS E 96 16.21 13.71 21.43
N ALA E 97 15.17 14.06 22.18
CA ALA E 97 13.78 14.20 21.68
C ALA E 97 13.72 15.44 20.77
N HIS E 98 13.83 15.26 19.45
CA HIS E 98 14.06 16.35 18.46
C HIS E 98 12.77 16.82 17.79
N LEU E 99 11.74 15.97 17.75
CA LEU E 99 10.38 16.36 17.33
C LEU E 99 9.37 15.82 18.33
N ARG E 100 8.46 16.67 18.80
CA ARG E 100 7.49 16.30 19.88
C ARG E 100 6.07 16.69 19.50
N PHE E 101 5.14 15.76 19.68
CA PHE E 101 3.69 15.95 19.51
C PHE E 101 3.06 15.81 20.88
N TYR E 102 2.15 16.72 21.24
CA TYR E 102 1.64 16.82 22.61
C TYR E 102 0.19 16.38 22.63
N THR E 103 -0.16 15.50 23.58
CA THR E 103 -1.56 15.11 23.88
C THR E 103 -2.32 16.32 24.44
N ALA E 104 -3.54 16.52 23.92
CA ALA E 104 -4.58 17.43 24.46
C ALA E 104 -5.21 16.78 25.68
N PRO E 105 -5.99 17.53 26.49
CA PRO E 105 -6.55 16.96 27.70
C PRO E 105 -7.99 16.50 27.59
N PRO E 106 -8.28 15.24 27.96
CA PRO E 106 -8.47 14.89 29.36
C PRO E 106 -7.27 13.96 29.61
N GLY E 107 -7.10 13.43 30.82
CA GLY E 107 -6.05 12.42 31.12
C GLY E 107 -4.65 13.02 31.20
N PRO E 108 -3.59 12.17 31.25
CA PRO E 108 -2.22 12.67 31.40
C PRO E 108 -1.67 13.36 30.14
N ARG E 109 -1.09 14.56 30.31
CA ARG E 109 -0.33 15.30 29.27
C ARG E 109 0.91 14.47 28.91
N LEU E 110 0.87 13.77 27.77
CA LEU E 110 2.00 12.96 27.23
C LEU E 110 2.63 13.70 26.05
N ALA E 111 3.72 13.14 25.53
CA ALA E 111 4.42 13.61 24.33
C ALA E 111 4.89 12.40 23.50
N LEU E 112 4.48 12.35 22.25
CA LEU E 112 5.12 11.45 21.24
C LEU E 112 6.39 12.16 20.77
N CYS E 113 7.55 11.51 20.95
CA CYS E 113 8.88 12.05 20.59
C CYS E 113 9.57 11.20 19.52
N PHE E 114 10.07 11.86 18.48
CA PHE E 114 11.19 11.37 17.66
C PHE E 114 12.44 11.60 18.49
N VAL E 115 13.00 10.54 19.07
CA VAL E 115 14.27 10.58 19.84
C VAL E 115 15.38 10.10 18.90
N ASP E 116 16.48 10.84 18.81
CA ASP E 116 17.57 10.49 17.87
C ASP E 116 18.88 11.01 18.44
N ILE E 117 19.59 10.18 19.21
CA ILE E 117 20.85 10.54 19.95
C ILE E 117 21.79 11.23 18.95
N ARG E 118 22.10 10.58 17.82
CA ARG E 118 23.20 10.96 16.88
C ARG E 118 22.72 11.95 15.81
N ARG E 119 21.41 12.17 15.72
CA ARG E 119 20.80 13.21 14.85
C ARG E 119 21.09 12.90 13.38
N PHE E 120 21.22 11.62 13.02
CA PHE E 120 21.44 11.23 11.61
C PHE E 120 20.09 11.07 10.92
N GLY E 121 19.00 11.00 11.68
CA GLY E 121 17.65 10.89 11.13
C GLY E 121 17.19 12.17 10.47
N ARG E 122 16.29 12.06 9.50
CA ARG E 122 15.75 13.19 8.70
C ARG E 122 14.22 13.06 8.66
N TRP E 123 13.51 14.19 8.54
CA TRP E 123 12.08 14.19 8.13
C TRP E 123 11.82 15.28 7.07
N ASP E 124 10.90 15.00 6.15
CA ASP E 124 10.51 15.86 5.01
C ASP E 124 9.01 16.13 5.06
N LEU E 125 8.59 17.32 4.62
CA LEU E 125 7.18 17.76 4.68
C LEU E 125 6.38 17.13 3.54
N GLY E 126 7.06 16.76 2.45
CA GLY E 126 6.46 16.08 1.28
C GLY E 126 5.28 15.15 1.56
N GLY E 127 5.37 14.24 2.55
CA GLY E 127 4.49 13.04 2.64
C GLY E 127 4.86 11.91 1.66
N LYS E 128 5.60 12.19 0.59
CA LYS E 128 5.88 11.20 -0.49
C LYS E 128 7.07 10.35 -0.03
N TRP E 129 7.11 9.08 -0.43
CA TRP E 129 8.29 8.19 -0.22
C TRP E 129 9.44 8.77 -1.03
N GLN E 130 10.65 8.40 -0.68
CA GLN E 130 11.84 8.86 -1.44
C GLN E 130 11.76 8.34 -2.86
N PRO E 131 11.73 9.23 -3.88
CA PRO E 131 11.76 8.77 -5.27
C PRO E 131 13.02 7.92 -5.47
N GLY E 132 12.88 6.75 -6.09
CA GLY E 132 14.01 5.85 -6.34
C GLY E 132 13.97 4.61 -5.48
N ARG E 133 13.55 4.69 -4.22
CA ARG E 133 13.50 3.49 -3.35
C ARG E 133 12.53 2.48 -3.98
N GLY E 134 12.90 1.21 -4.01
CA GLY E 134 12.06 0.14 -4.57
C GLY E 134 10.99 -0.31 -3.57
N PRO E 135 10.18 -1.30 -3.99
CA PRO E 135 9.09 -1.80 -3.16
C PRO E 135 9.64 -2.39 -1.86
N CYS E 136 8.89 -2.23 -0.76
CA CYS E 136 9.21 -2.73 0.60
C CYS E 136 9.38 -4.24 0.57
N VAL E 137 10.43 -4.76 1.19
CA VAL E 137 10.67 -6.22 1.25
C VAL E 137 9.66 -6.86 2.20
N LEU E 138 9.16 -6.09 3.16
CA LEU E 138 8.17 -6.65 4.14
C LEU E 138 6.78 -6.60 3.52
N GLN E 139 6.34 -5.46 3.00
CA GLN E 139 4.91 -5.30 2.63
C GLN E 139 4.66 -5.35 1.13
N GLU E 140 5.65 -5.60 0.26
CA GLU E 140 5.44 -5.58 -1.21
C GLU E 140 6.31 -6.67 -1.86
N TYR E 141 6.41 -7.84 -1.23
CA TYR E 141 7.28 -8.95 -1.68
C TYR E 141 7.21 -9.08 -3.20
N GLN E 142 6.02 -9.29 -3.74
CA GLN E 142 5.85 -9.59 -5.19
C GLN E 142 6.42 -8.45 -6.04
N GLN E 143 6.12 -7.19 -5.73
CA GLN E 143 6.63 -6.04 -6.52
C GLN E 143 8.16 -5.94 -6.36
N PHE E 144 8.68 -6.23 -5.18
CA PHE E 144 10.13 -6.18 -4.89
C PHE E 144 10.83 -7.25 -5.74
N ARG E 145 10.29 -8.47 -5.71
CA ARG E 145 10.88 -9.67 -6.36
C ARG E 145 10.97 -9.40 -7.86
N GLU E 146 9.92 -8.80 -8.44
CA GLU E 146 9.78 -8.57 -9.91
C GLU E 146 10.73 -7.42 -10.30
N ASN E 147 10.73 -6.33 -9.52
CA ASN E 147 11.58 -5.14 -9.75
C ASN E 147 13.05 -5.57 -9.94
N VAL E 148 13.53 -6.52 -9.14
CA VAL E 148 14.94 -7.04 -9.22
C VAL E 148 15.13 -7.85 -10.52
N LEU E 149 14.35 -8.91 -10.69
CA LEU E 149 14.50 -9.88 -11.80
C LEU E 149 14.30 -9.20 -13.16
N ARG E 150 13.48 -8.14 -13.22
CA ARG E 150 13.25 -7.36 -14.46
C ARG E 150 14.50 -6.53 -14.78
N ASN E 151 15.30 -6.14 -13.77
CA ASN E 151 16.38 -5.12 -13.92
C ASN E 151 17.76 -5.64 -13.55
N LEU E 152 18.07 -6.92 -13.80
CA LEU E 152 19.42 -7.49 -13.49
C LEU E 152 20.49 -6.87 -14.39
N ALA E 153 20.07 -6.19 -15.48
CA ALA E 153 20.95 -5.52 -16.46
C ALA E 153 21.37 -4.13 -15.97
N ASP E 154 20.86 -3.68 -14.82
CA ASP E 154 21.31 -2.43 -14.18
C ASP E 154 22.77 -2.62 -13.72
N LYS E 155 23.56 -1.54 -13.73
CA LYS E 155 25.00 -1.55 -13.33
C LYS E 155 25.10 -1.97 -11.85
N ALA E 156 24.07 -1.69 -11.05
CA ALA E 156 24.02 -2.02 -9.61
C ALA E 156 24.33 -3.51 -9.38
N PHE E 157 23.98 -4.39 -10.33
CA PHE E 157 24.14 -5.86 -10.20
C PHE E 157 25.49 -6.31 -10.76
N ASP E 158 26.29 -5.36 -11.24
CA ASP E 158 27.74 -5.59 -11.50
C ASP E 158 28.43 -5.73 -10.15
N ARG E 159 27.91 -5.03 -9.14
CA ARG E 159 28.49 -5.01 -7.77
C ARG E 159 28.43 -6.44 -7.21
N PRO E 160 29.26 -6.76 -6.20
CA PRO E 160 29.12 -8.03 -5.47
C PRO E 160 27.80 -8.06 -4.69
N ILE E 161 27.27 -9.26 -4.45
CA ILE E 161 25.91 -9.46 -3.86
C ILE E 161 25.74 -8.67 -2.55
N CYS E 162 26.70 -8.72 -1.62
CA CYS E 162 26.63 -8.06 -0.29
C CYS E 162 26.53 -6.54 -0.47
N GLU E 163 27.13 -6.00 -1.55
CA GLU E 163 27.09 -4.56 -1.88
C GLU E 163 25.71 -4.23 -2.46
N ALA E 164 25.23 -5.00 -3.43
CA ALA E 164 23.95 -4.76 -4.13
C ALA E 164 22.78 -4.87 -3.15
N LEU E 165 22.88 -5.75 -2.13
CA LEU E 165 21.78 -6.00 -1.15
C LEU E 165 21.45 -4.73 -0.37
N LEU E 166 22.34 -3.74 -0.33
CA LEU E 166 22.10 -2.48 0.40
C LEU E 166 21.57 -1.40 -0.54
N ASP E 167 21.39 -1.71 -1.83
CA ASP E 167 20.89 -0.71 -2.81
C ASP E 167 19.40 -0.56 -2.58
N GLN E 168 18.98 0.55 -1.96
CA GLN E 168 17.57 0.76 -1.53
C GLN E 168 16.65 0.95 -2.74
N ARG E 169 17.20 1.19 -3.96
CA ARG E 169 16.44 1.15 -5.25
C ARG E 169 15.88 -0.25 -5.55
N PHE E 170 16.46 -1.30 -4.96
CA PHE E 170 16.16 -2.73 -5.25
C PHE E 170 15.93 -3.56 -3.98
N PHE E 171 16.45 -3.13 -2.83
CA PHE E 171 16.27 -3.87 -1.56
C PHE E 171 15.92 -2.89 -0.43
N ASN E 172 14.88 -2.09 -0.68
CA ASN E 172 14.31 -1.15 0.32
C ASN E 172 14.04 -1.90 1.62
N GLY E 173 14.78 -1.57 2.69
CA GLY E 173 14.55 -2.11 4.04
C GLY E 173 15.71 -2.93 4.52
N ILE E 174 16.44 -3.55 3.59
CA ILE E 174 17.61 -4.39 3.93
C ILE E 174 18.74 -3.46 4.40
N GLY E 175 19.35 -3.78 5.55
CA GLY E 175 20.52 -3.08 6.07
C GLY E 175 21.69 -4.02 6.31
N ASN E 176 22.69 -3.54 7.04
CA ASN E 176 23.98 -4.24 7.23
C ASN E 176 23.76 -5.57 7.97
N TYR E 177 22.93 -5.62 9.00
CA TYR E 177 22.74 -6.85 9.80
C TYR E 177 21.95 -7.85 8.95
N LEU E 178 20.94 -7.38 8.21
CA LEU E 178 20.06 -8.28 7.41
C LEU E 178 20.84 -8.92 6.26
N ARG E 179 21.74 -8.20 5.60
CA ARG E 179 22.52 -8.78 4.48
C ARG E 179 23.42 -9.89 5.04
N ALA E 180 24.00 -9.66 6.22
CA ALA E 180 24.80 -10.65 6.97
C ALA E 180 23.95 -11.89 7.22
N GLU E 181 22.73 -11.70 7.75
CA GLU E 181 21.87 -12.83 8.21
C GLU E 181 21.39 -13.62 6.99
N ILE E 182 21.05 -12.91 5.91
CA ILE E 182 20.37 -13.49 4.73
C ILE E 182 21.39 -14.36 3.99
N LEU E 183 22.57 -13.79 3.70
CA LEU E 183 23.64 -14.48 2.91
C LEU E 183 24.09 -15.72 3.68
N TYR E 184 24.25 -15.57 5.00
CA TYR E 184 24.65 -16.68 5.91
C TYR E 184 23.61 -17.82 5.80
N ARG E 185 22.32 -17.51 5.75
CA ARG E 185 21.20 -18.50 5.63
C ARG E 185 21.41 -19.43 4.44
N LEU E 186 21.97 -18.92 3.33
CA LEU E 186 22.16 -19.71 2.08
C LEU E 186 23.64 -19.99 1.82
N LYS E 187 24.52 -19.47 2.67
CA LYS E 187 25.99 -19.63 2.57
C LYS E 187 26.43 -19.14 1.19
N ILE E 188 25.87 -18.02 0.73
CA ILE E 188 26.30 -17.34 -0.53
C ILE E 188 27.54 -16.54 -0.18
N PRO E 189 28.69 -16.78 -0.86
CA PRO E 189 29.88 -15.97 -0.62
C PRO E 189 29.48 -14.50 -0.80
N PRO E 190 29.79 -13.63 0.18
CA PRO E 190 29.37 -12.22 0.14
C PRO E 190 29.83 -11.47 -1.13
N PHE E 191 30.97 -11.88 -1.68
CA PHE E 191 31.57 -11.21 -2.86
C PHE E 191 31.43 -12.09 -4.10
N GLU E 192 30.35 -12.88 -4.22
CA GLU E 192 29.82 -13.32 -5.53
C GLU E 192 29.31 -12.08 -6.26
N LYS E 193 29.37 -12.05 -7.58
CA LYS E 193 28.77 -10.95 -8.39
C LYS E 193 27.26 -11.00 -8.22
N ALA E 194 26.63 -9.87 -7.89
CA ALA E 194 25.18 -9.79 -7.62
C ALA E 194 24.43 -10.49 -8.77
N ARG E 195 24.72 -10.10 -10.02
CA ARG E 195 23.98 -10.60 -11.20
C ARG E 195 24.02 -12.13 -11.21
N SER E 196 25.16 -12.76 -10.92
CA SER E 196 25.38 -14.23 -11.01
C SER E 196 24.46 -14.96 -10.02
N VAL E 197 24.36 -14.48 -8.79
CA VAL E 197 23.52 -15.10 -7.72
C VAL E 197 22.05 -15.10 -8.16
N LEU E 198 21.61 -14.02 -8.82
CA LEU E 198 20.18 -13.75 -9.13
C LEU E 198 19.80 -14.25 -10.53
N GLU E 199 20.72 -14.18 -11.50
CA GLU E 199 20.53 -14.70 -12.88
C GLU E 199 19.82 -16.05 -12.81
N ALA E 200 20.27 -16.93 -11.90
CA ALA E 200 19.71 -18.27 -11.59
C ALA E 200 18.17 -18.26 -11.60
N LEU E 201 17.56 -17.18 -11.09
CA LEU E 201 16.10 -17.07 -10.87
C LEU E 201 15.49 -16.34 -12.08
N ASN E 222 13.77 -25.15 0.06
CA ASN E 222 15.00 -24.45 -0.41
C ASN E 222 14.67 -22.99 -0.72
N PRO E 223 14.34 -22.16 0.29
CA PRO E 223 13.99 -20.75 0.04
C PRO E 223 15.11 -20.00 -0.70
N ASP E 224 14.83 -19.41 -1.86
CA ASP E 224 15.84 -18.67 -2.67
C ASP E 224 16.19 -17.36 -1.96
N LEU E 225 17.18 -16.61 -2.47
CA LEU E 225 17.74 -15.40 -1.82
C LEU E 225 16.65 -14.35 -1.64
N LEU E 226 15.81 -14.15 -2.68
CA LEU E 226 14.76 -13.08 -2.68
C LEU E 226 13.65 -13.42 -1.68
N GLU E 227 13.20 -14.69 -1.59
CA GLU E 227 12.31 -15.14 -0.47
C GLU E 227 12.92 -14.69 0.86
N LEU E 228 14.23 -14.86 1.06
CA LEU E 228 14.85 -14.59 2.39
C LEU E 228 14.92 -13.07 2.64
N CYS E 229 15.15 -12.24 1.61
CA CYS E 229 15.01 -10.75 1.65
C CYS E 229 13.68 -10.36 2.35
N HIS E 230 12.66 -11.23 2.33
CA HIS E 230 11.32 -11.01 2.93
C HIS E 230 11.17 -11.78 4.26
N SER E 231 11.41 -13.09 4.24
CA SER E 231 11.11 -14.01 5.36
C SER E 231 11.99 -13.69 6.58
N VAL E 232 13.20 -13.18 6.37
CA VAL E 232 14.19 -12.97 7.47
C VAL E 232 13.81 -11.70 8.25
N PRO E 233 13.68 -10.52 7.61
CA PRO E 233 13.18 -9.34 8.31
C PRO E 233 11.84 -9.61 9.02
N LYS E 234 10.98 -10.41 8.39
CA LYS E 234 9.66 -10.78 8.96
C LYS E 234 9.86 -11.57 10.26
N GLU E 235 10.88 -12.44 10.32
CA GLU E 235 11.27 -13.16 11.57
C GLU E 235 11.48 -12.10 12.66
N VAL E 236 12.16 -11.01 12.33
CA VAL E 236 12.52 -9.96 13.34
C VAL E 236 11.27 -9.21 13.80
N VAL E 237 10.36 -8.92 12.87
CA VAL E 237 9.10 -8.18 13.13
C VAL E 237 8.28 -8.97 14.15
N GLN E 238 8.17 -10.29 13.96
CA GLN E 238 7.31 -11.18 14.79
C GLN E 238 7.92 -11.37 16.18
N LEU E 239 9.26 -11.28 16.29
CA LEU E 239 10.02 -11.44 17.56
C LEU E 239 9.59 -10.40 18.61
N GLY E 240 9.22 -9.18 18.21
CA GLY E 240 8.65 -8.15 19.10
C GLY E 240 9.31 -6.77 18.94
N GLY E 249 11.67 -4.79 29.06
CA GLY E 249 11.78 -3.73 28.04
C GLY E 249 13.05 -3.89 27.21
N GLU E 250 14.22 -3.95 27.89
CA GLU E 250 15.57 -4.14 27.26
C GLU E 250 15.87 -5.64 27.07
N GLU E 251 15.01 -6.52 27.62
CA GLU E 251 14.87 -7.93 27.19
C GLU E 251 14.83 -7.99 25.65
N ASP E 252 14.27 -6.95 25.00
CA ASP E 252 14.19 -6.84 23.52
C ASP E 252 15.60 -7.04 22.92
N PHE E 253 16.61 -6.33 23.44
CA PHE E 253 18.04 -6.46 23.01
C PHE E 253 18.47 -7.94 23.02
N ALA E 254 18.30 -8.60 24.17
CA ALA E 254 18.72 -10.00 24.44
C ALA E 254 18.07 -10.95 23.44
N ALA E 255 16.78 -10.74 23.13
CA ALA E 255 15.96 -11.58 22.24
C ALA E 255 16.51 -11.54 20.82
N PHE E 256 16.65 -10.33 20.27
CA PHE E 256 17.24 -10.04 18.93
C PHE E 256 18.62 -10.70 18.87
N ARG E 257 19.48 -10.42 19.87
CA ARG E 257 20.84 -11.01 19.99
C ARG E 257 20.78 -12.55 19.94
N ALA E 258 19.82 -13.15 20.65
CA ALA E 258 19.56 -14.61 20.61
C ALA E 258 19.22 -15.04 19.17
N TRP E 259 18.57 -14.17 18.41
CA TRP E 259 18.07 -14.50 17.06
C TRP E 259 19.23 -14.54 16.05
N LEU E 260 20.17 -13.58 16.17
CA LEU E 260 21.32 -13.37 15.23
C LEU E 260 22.17 -14.64 15.11
N ARG E 261 22.46 -15.05 13.87
CA ARG E 261 23.25 -16.28 13.57
C ARG E 261 24.62 -15.95 12.97
N CYS E 262 24.87 -14.71 12.51
CA CYS E 262 26.04 -14.35 11.66
C CYS E 262 26.67 -13.01 12.07
N TYR E 263 25.85 -11.99 12.35
CA TYR E 263 26.29 -10.57 12.45
C TYR E 263 27.02 -10.31 13.77
N GLY E 264 28.33 -10.04 13.69
CA GLY E 264 29.21 -9.77 14.84
C GLY E 264 29.19 -10.89 15.86
N MET E 265 28.91 -12.13 15.43
CA MET E 265 28.83 -13.32 16.31
C MET E 265 30.24 -13.91 16.41
N PRO E 266 30.64 -14.44 17.59
CA PRO E 266 31.99 -14.99 17.75
C PRO E 266 32.38 -15.96 16.62
N GLY E 267 33.62 -15.82 16.10
CA GLY E 267 34.26 -16.73 15.13
C GLY E 267 33.74 -16.55 13.72
N MET E 268 33.21 -15.38 13.39
CA MET E 268 32.71 -15.07 12.02
C MET E 268 33.78 -14.28 11.26
N SER E 269 33.95 -14.65 9.97
CA SER E 269 34.75 -13.87 9.01
C SER E 269 34.06 -12.52 8.79
N SER E 270 34.85 -11.51 8.40
CA SER E 270 34.49 -10.08 8.41
C SER E 270 35.38 -9.33 7.41
N LEU E 271 34.81 -8.55 6.49
CA LEU E 271 35.54 -7.67 5.56
C LEU E 271 34.82 -6.31 5.47
N GLN E 272 35.55 -5.24 5.12
CA GLN E 272 34.97 -3.98 4.60
C GLN E 272 34.64 -4.20 3.13
N ASP E 273 33.44 -3.81 2.67
CA ASP E 273 33.09 -3.84 1.22
C ASP E 273 33.64 -2.57 0.58
N ARG E 274 33.44 -2.39 -0.74
CA ARG E 274 34.00 -1.27 -1.55
C ARG E 274 33.58 0.08 -0.95
N HIS E 275 32.51 0.14 -0.15
CA HIS E 275 32.01 1.40 0.48
C HIS E 275 32.43 1.52 1.95
N GLY E 276 33.27 0.62 2.46
CA GLY E 276 33.78 0.65 3.85
C GLY E 276 32.71 0.29 4.88
N ARG E 277 31.91 -0.74 4.64
CA ARG E 277 30.90 -1.26 5.59
C ARG E 277 31.21 -2.72 5.93
N THR E 278 31.32 -3.05 7.22
CA THR E 278 31.65 -4.41 7.72
C THR E 278 30.55 -5.39 7.27
N ILE E 279 30.87 -6.31 6.34
CA ILE E 279 30.05 -7.51 5.99
C ILE E 279 30.55 -8.70 6.81
N TRP E 280 29.65 -9.39 7.52
CA TRP E 280 29.94 -10.61 8.30
C TRP E 280 29.52 -11.84 7.51
N PHE E 281 30.29 -12.93 7.59
CA PHE E 281 29.99 -14.20 6.86
C PHE E 281 30.77 -15.38 7.45
N GLN E 282 30.35 -16.56 7.00
CA GLN E 282 31.01 -17.86 7.28
C GLN E 282 31.81 -18.27 6.05
N GLY E 283 32.96 -18.91 6.26
CA GLY E 283 33.79 -19.50 5.17
C GLY E 283 34.11 -18.38 4.09
N ASP E 284 34.02 -18.93 2.82
CA ASP E 284 34.67 -18.36 1.60
C ASP E 284 34.17 -16.94 1.36
N PRO E 285 35.06 -15.92 1.34
CA PRO E 285 34.63 -14.54 1.12
C PRO E 285 33.99 -14.31 -0.25
N GLY E 286 34.53 -14.96 -1.30
CA GLY E 286 33.98 -14.88 -2.66
C GLY E 286 34.90 -14.13 -3.64
N PRO E 287 34.68 -14.42 -4.97
CA PRO E 287 35.42 -13.82 -6.09
C PRO E 287 35.93 -12.37 -6.00
N LEU E 288 35.15 -11.43 -5.46
CA LEU E 288 35.38 -9.96 -5.65
C LEU E 288 35.80 -9.26 -4.35
N ALA E 289 36.41 -9.97 -3.39
CA ALA E 289 36.67 -9.47 -2.01
C ALA E 289 37.84 -8.46 -2.02
P1 AD2 F 6 32.31 -0.76 13.75
OP1 AD2 F 6 32.34 -2.09 13.02
OP2 AD2 F 6 32.75 0.44 12.93
O5' AD2 F 6 30.86 -0.48 14.35
P2 AD2 F 6 27.71 -1.14 11.81
O5P AD2 F 6 27.94 0.15 11.04
O4P AD2 F 6 26.50 -1.82 11.15
O6P AD2 F 6 28.88 -2.10 11.60
N9 AD2 F 6 29.31 2.66 16.15
C4 AD2 F 6 29.26 3.80 16.84
N3 AD2 F 6 28.56 4.22 17.88
C2 AD2 F 6 28.70 5.45 18.39
N1 AD2 F 6 29.54 6.35 17.91
C6 AD2 F 6 30.32 6.09 16.88
N6 AD2 F 6 31.16 7.03 16.42
C5 AD2 F 6 30.22 4.74 16.26
N7 AD2 F 6 30.81 4.06 15.26
C8 AD2 F 6 30.26 2.83 15.20
C2' AD2 F 6 27.55 1.19 15.07
C5' AD2 F 6 30.13 -1.44 15.09
C4' AD2 F 6 28.85 -0.73 15.49
O4' AD2 F 6 29.19 0.23 16.53
C1' AD2 F 6 28.45 1.44 16.34
C3' AD2 F 6 28.24 0.04 14.31
O3' AD2 F 6 27.43 -0.80 13.42
#